data_9LJS
#
_entry.id   9LJS
#
_cell.length_a   139.003
_cell.length_b   139.003
_cell.length_c   92.986
_cell.angle_alpha   90.00
_cell.angle_beta   90.00
_cell.angle_gamma   120.00
#
_symmetry.space_group_name_H-M   'P 65'
#
loop_
_entity.id
_entity.type
_entity.pdbx_description
1 polymer 'RNA-directed RNA polymerase'
2 polymer "RNA (5'-R(P*GP*GP*U)-3')"
3 non-polymer 'FLAVIN-ADENINE DINUCLEOTIDE'
4 non-polymer "CYTIDINE-5'-DIPHOSPHATE"
5 non-polymer 'MANGANESE (II) ION'
6 water water
#
loop_
_entity_poly.entity_id
_entity_poly.type
_entity_poly.pdbx_seq_one_letter_code
_entity_poly.pdbx_strand_id
1 'polypeptide(L)'
;SSMSYSWTGALITPCGPEEEKLPINPLSNSLLRYHNKVYCTTSKSASQRAKKVTFDRTQVLDAHYDSVLKDIKLAASKVS
ARLLTLQQACQLTPPHSARSKYGFGAKEVRSLSGRAVNHIKSVWKDLLEDPQTPIPTTIMAKNEVFCVDPAKGGKKPARL
IVYPDLGVRVCEKMALYDITQKLPQAVMGASYGFQYSPAQRVEYLLKAWAEKKDPMGFSYDTRHFDSTVTERDIRTEESI
YQACSLPEEARTAIHSLTERLYVGGPMFNSKGQTCGYRRCRASGVLTTSMGNTITCYVKALAACKAAGIVAPTMLVCGDD
LIVISESQGTEEDERNLRAFTEAMTRYSAPPGDPPRPEYDLELITSCSSNVSVALGPRGRRRYYLTRDPTTPLARAAWET
VRHSPINSWLGNIIQYAPTIWVRMVLMTHFFSILMVQDTLDQNLNFEMYGSVYSVNPLDLPAIIERLHGLDAFSMHTYSH
HELTRVASALRKLGAPPLRVWKSRARAVRASLISRGGKAAVCGRYLFNWAVKTKLKLTPLPEARLLDLSSWFTV
;
A
2 'polyribonucleotide' GGU B
#
# COMPACT_ATOMS: atom_id res chain seq x y z
N SER A 1 -27.44 0.24 -14.26
CA SER A 1 -26.85 0.87 -15.44
C SER A 1 -25.75 0.01 -16.10
N SER A 2 -24.47 0.34 -15.85
CA SER A 2 -23.34 -0.16 -16.63
C SER A 2 -22.63 -1.33 -15.96
N MET A 3 -21.98 -2.15 -16.78
CA MET A 3 -21.23 -3.32 -16.33
C MET A 3 -19.74 -3.00 -16.22
N SER A 4 -19.14 -3.37 -15.07
CA SER A 4 -17.75 -3.05 -14.81
C SER A 4 -16.84 -3.53 -15.94
N TYR A 5 -16.99 -4.77 -16.36
CA TYR A 5 -16.25 -5.30 -17.50
C TYR A 5 -17.19 -6.12 -18.38
N SER A 6 -16.77 -6.34 -19.62
CA SER A 6 -17.32 -7.39 -20.48
C SER A 6 -16.17 -8.09 -21.17
N TRP A 7 -16.35 -9.38 -21.46
CA TRP A 7 -15.23 -10.23 -21.86
C TRP A 7 -15.49 -10.90 -23.19
N THR A 8 -14.43 -10.99 -23.99
CA THR A 8 -14.48 -11.71 -25.25
C THR A 8 -14.24 -13.19 -25.09
N GLY A 9 -13.82 -13.63 -23.91
CA GLY A 9 -13.46 -15.00 -23.71
C GLY A 9 -12.02 -15.31 -23.97
N ALA A 10 -11.26 -14.37 -24.51
CA ALA A 10 -9.82 -14.58 -24.65
C ALA A 10 -9.16 -14.68 -23.28
N LEU A 11 -8.14 -15.53 -23.18
CA LEU A 11 -7.47 -15.77 -21.91
C LEU A 11 -6.65 -14.58 -21.44
N ILE A 12 -6.53 -14.43 -20.12
CA ILE A 12 -5.68 -13.42 -19.53
C ILE A 12 -4.29 -14.05 -19.39
N THR A 13 -3.42 -13.71 -20.32
CA THR A 13 -2.19 -14.46 -20.48
C THR A 13 -1.08 -13.82 -19.69
N PRO A 14 -0.04 -14.60 -19.39
CA PRO A 14 1.08 -14.11 -18.58
C PRO A 14 2.03 -13.17 -19.30
N CYS A 15 2.46 -12.13 -18.58
CA CYS A 15 3.44 -11.15 -19.04
C CYS A 15 4.80 -11.59 -18.51
N GLY A 16 5.51 -12.38 -19.31
CA GLY A 16 6.79 -12.90 -18.89
C GLY A 16 6.66 -14.27 -18.24
N PRO A 17 7.65 -14.65 -17.44
CA PRO A 17 7.63 -15.97 -16.81
C PRO A 17 7.06 -15.90 -15.39
N GLU A 18 6.26 -16.92 -15.08
CA GLU A 18 5.71 -17.12 -13.74
C GLU A 18 6.47 -18.32 -13.16
N GLU A 19 7.34 -18.05 -12.19
CA GLU A 19 8.39 -19.00 -11.87
C GLU A 19 7.91 -20.06 -10.90
N GLU A 20 8.44 -21.26 -11.08
CA GLU A 20 8.19 -22.35 -10.17
C GLU A 20 8.98 -22.12 -8.89
N LYS A 21 8.47 -22.64 -7.79
CA LYS A 21 9.30 -22.66 -6.60
C LYS A 21 10.43 -23.67 -6.79
N LEU A 22 11.45 -23.55 -5.96
CA LEU A 22 12.53 -24.52 -6.13
C LEU A 22 12.44 -25.58 -5.04
N PRO A 23 13.12 -26.73 -5.22
CA PRO A 23 13.03 -27.78 -4.21
C PRO A 23 13.80 -27.47 -2.93
N ILE A 24 14.74 -26.54 -2.95
CA ILE A 24 15.42 -26.06 -1.75
C ILE A 24 15.33 -24.55 -1.73
N ASN A 25 14.89 -24.01 -0.61
CA ASN A 25 14.82 -22.57 -0.41
C ASN A 25 15.91 -22.17 0.58
N PRO A 26 17.16 -22.06 0.10
CA PRO A 26 18.30 -22.08 1.04
C PRO A 26 18.40 -20.87 1.95
N LEU A 27 17.72 -19.77 1.64
CA LEU A 27 17.76 -18.55 2.45
C LEU A 27 16.66 -18.48 3.50
N SER A 28 15.57 -19.24 3.33
CA SER A 28 14.42 -19.10 4.21
C SER A 28 13.97 -20.42 4.81
N ASN A 29 14.65 -21.53 4.50
CA ASN A 29 14.24 -22.81 5.04
C ASN A 29 14.78 -23.06 6.44
N SER A 30 15.59 -22.16 6.98
CA SER A 30 15.84 -22.10 8.40
C SER A 30 14.97 -21.05 9.08
N LEU A 31 14.06 -20.43 8.33
CA LEU A 31 13.10 -19.48 8.89
C LEU A 31 11.76 -20.13 9.20
N LEU A 32 11.19 -20.86 8.24
CA LEU A 32 9.95 -21.61 8.47
C LEU A 32 10.02 -22.89 7.64
N ARG A 33 9.21 -23.88 8.03
CA ARG A 33 9.26 -25.18 7.38
C ARG A 33 8.19 -25.38 6.30
N TYR A 34 6.98 -24.84 6.47
CA TYR A 34 5.84 -25.18 5.61
C TYR A 34 5.84 -24.36 4.32
N HIS A 35 6.89 -24.56 3.53
CA HIS A 35 7.01 -23.87 2.25
C HIS A 35 5.90 -24.24 1.28
N ASN A 36 5.16 -25.33 1.58
CA ASN A 36 4.06 -25.75 0.73
C ASN A 36 2.86 -24.81 0.86
N LYS A 37 2.79 -24.07 1.96
CA LYS A 37 1.74 -23.10 2.20
C LYS A 37 2.02 -21.73 1.59
N VAL A 38 3.23 -21.51 1.08
CA VAL A 38 3.61 -20.24 0.49
C VAL A 38 3.40 -20.36 -1.01
N TYR A 39 2.51 -19.54 -1.56
CA TYR A 39 2.19 -19.57 -2.98
C TYR A 39 2.21 -18.17 -3.57
N CYS A 40 2.32 -18.11 -4.90
CA CYS A 40 2.23 -16.85 -5.65
C CYS A 40 1.04 -16.88 -6.62
N THR A 41 0.29 -15.78 -6.66
CA THR A 41 -0.84 -15.70 -7.55
C THR A 41 -0.37 -15.63 -9.00
N THR A 42 -1.23 -16.08 -9.91
CA THR A 42 -0.78 -16.37 -11.26
C THR A 42 -1.93 -16.14 -12.23
N SER A 43 -1.58 -15.93 -13.50
CA SER A 43 -2.58 -15.71 -14.54
C SER A 43 -3.51 -16.90 -14.72
N LYS A 44 -3.13 -18.07 -14.23
CA LYS A 44 -4.06 -19.19 -14.14
C LYS A 44 -5.36 -18.75 -13.48
N SER A 45 -5.25 -18.17 -12.28
CA SER A 45 -6.44 -17.75 -11.56
C SER A 45 -7.02 -16.44 -12.08
N ALA A 46 -6.63 -15.95 -13.25
CA ALA A 46 -7.08 -14.62 -13.65
C ALA A 46 -8.55 -14.62 -14.06
N SER A 47 -9.00 -15.66 -14.76
CA SER A 47 -10.41 -15.75 -15.10
C SER A 47 -11.28 -15.83 -13.85
N GLN A 48 -10.80 -16.54 -12.80
CA GLN A 48 -11.54 -16.59 -11.55
C GLN A 48 -11.74 -15.20 -10.96
N ARG A 49 -10.66 -14.39 -10.87
CA ARG A 49 -10.83 -13.02 -10.41
C ARG A 49 -11.70 -12.23 -11.39
N ALA A 50 -11.61 -12.53 -12.68
CA ALA A 50 -12.43 -11.83 -13.67
C ALA A 50 -13.91 -11.98 -13.37
N LYS A 51 -14.36 -13.22 -13.13
CA LYS A 51 -15.77 -13.45 -12.85
C LYS A 51 -16.20 -12.78 -11.53
N LYS A 52 -15.29 -12.65 -10.56
CA LYS A 52 -15.63 -12.06 -9.27
C LYS A 52 -15.76 -10.54 -9.32
N VAL A 53 -15.17 -9.87 -10.32
CA VAL A 53 -15.21 -8.41 -10.39
C VAL A 53 -16.13 -7.89 -11.47
N THR A 54 -16.76 -8.78 -12.24
CA THR A 54 -17.72 -8.37 -13.26
C THR A 54 -19.12 -8.36 -12.65
N PHE A 55 -19.73 -7.18 -12.60
CA PHE A 55 -21.04 -7.07 -11.98
C PHE A 55 -21.68 -5.75 -12.40
N ASP A 56 -23.02 -5.73 -12.33
CA ASP A 56 -23.79 -4.58 -12.79
C ASP A 56 -23.88 -3.59 -11.64
N ARG A 57 -23.46 -2.37 -11.89
CA ARG A 57 -23.41 -1.35 -10.86
C ARG A 57 -24.63 -0.46 -10.95
N THR A 58 -25.11 -0.05 -9.79
CA THR A 58 -26.23 0.87 -9.71
C THR A 58 -25.86 1.90 -8.66
N GLN A 59 -25.49 3.08 -9.10
CA GLN A 59 -25.12 4.17 -8.21
C GLN A 59 -26.34 5.06 -8.01
N VAL A 60 -26.56 5.50 -6.77
CA VAL A 60 -27.64 6.42 -6.43
C VAL A 60 -27.08 7.42 -5.42
N LEU A 61 -26.93 8.68 -5.83
CA LEU A 61 -26.33 9.69 -4.97
C LEU A 61 -27.43 10.57 -4.33
N ASP A 62 -27.04 11.57 -3.57
CA ASP A 62 -27.98 12.33 -2.75
C ASP A 62 -27.34 13.61 -2.24
N ALA A 63 -28.13 14.37 -1.48
CA ALA A 63 -27.65 15.68 -1.04
C ALA A 63 -26.40 15.59 -0.18
N HIS A 64 -26.22 14.49 0.55
CA HIS A 64 -25.01 14.36 1.36
C HIS A 64 -23.77 14.28 0.47
N TYR A 65 -23.75 13.30 -0.43
CA TYR A 65 -22.70 13.25 -1.44
C TYR A 65 -22.54 14.58 -2.14
N ASP A 66 -23.65 15.14 -2.62
CA ASP A 66 -23.58 16.37 -3.40
C ASP A 66 -22.95 17.50 -2.58
N SER A 67 -23.28 17.57 -1.29
CA SER A 67 -22.70 18.58 -0.43
C SER A 67 -21.20 18.38 -0.27
N VAL A 68 -20.78 17.12 -0.10
CA VAL A 68 -19.37 16.83 0.07
C VAL A 68 -18.61 17.24 -1.19
N LEU A 69 -19.02 16.70 -2.34
CA LEU A 69 -18.35 17.01 -3.60
C LEU A 69 -18.20 18.51 -3.79
N LYS A 70 -19.21 19.29 -3.39
CA LYS A 70 -19.11 20.73 -3.52
C LYS A 70 -17.95 21.28 -2.70
N ASP A 71 -17.86 20.87 -1.44
CA ASP A 71 -16.80 21.39 -0.58
C ASP A 71 -15.43 20.89 -1.02
N ILE A 72 -15.36 19.69 -1.57
CA ILE A 72 -14.07 19.13 -1.98
C ILE A 72 -13.57 19.81 -3.26
N LYS A 73 -14.50 20.18 -4.17
CA LYS A 73 -14.12 20.99 -5.32
C LYS A 73 -13.65 22.38 -4.90
N LEU A 74 -14.21 22.94 -3.82
CA LEU A 74 -13.72 24.23 -3.35
C LEU A 74 -12.32 24.09 -2.76
N ALA A 75 -12.08 23.06 -1.95
CA ALA A 75 -10.71 22.79 -1.51
C ALA A 75 -9.79 22.64 -2.70
N ALA A 76 -10.22 21.87 -3.69
CA ALA A 76 -9.46 21.69 -4.93
C ALA A 76 -9.12 23.04 -5.57
N SER A 77 -10.05 24.00 -5.52
CA SER A 77 -9.85 25.27 -6.21
C SER A 77 -8.62 26.01 -5.69
N LYS A 78 -8.17 25.74 -4.47
CA LYS A 78 -7.03 26.46 -3.91
C LYS A 78 -5.69 25.92 -4.41
N VAL A 79 -5.69 24.84 -5.19
CA VAL A 79 -4.46 24.24 -5.70
C VAL A 79 -4.09 24.85 -7.05
N SER A 80 -2.84 25.26 -7.19
CA SER A 80 -2.26 25.58 -8.50
C SER A 80 -1.28 24.49 -8.86
N ALA A 81 -1.39 23.97 -10.08
CA ALA A 81 -0.58 22.84 -10.50
C ALA A 81 -0.12 23.02 -11.95
N ARG A 82 1.12 22.63 -12.22
CA ARG A 82 1.78 22.85 -13.51
C ARG A 82 1.98 21.53 -14.27
N LEU A 83 2.06 21.67 -15.59
CA LEU A 83 2.57 20.60 -16.44
C LEU A 83 4.01 20.25 -16.07
N LEU A 84 4.34 18.97 -16.15
CA LEU A 84 5.71 18.53 -16.10
C LEU A 84 6.29 18.58 -17.51
N THR A 85 7.58 18.87 -17.62
CA THR A 85 8.20 18.74 -18.91
C THR A 85 8.24 17.26 -19.29
N LEU A 86 8.00 16.98 -20.56
CA LEU A 86 8.20 15.65 -21.09
C LEU A 86 9.47 15.03 -20.50
N GLN A 87 10.55 15.82 -20.45
CA GLN A 87 11.82 15.34 -19.91
C GLN A 87 11.69 14.93 -18.44
N GLN A 88 10.89 15.68 -17.66
CA GLN A 88 10.69 15.34 -16.26
C GLN A 88 9.83 14.10 -16.11
N ALA A 89 8.78 13.98 -16.91
CA ALA A 89 7.93 12.80 -16.82
C ALA A 89 8.72 11.56 -17.19
N CYS A 90 9.56 11.66 -18.22
CA CYS A 90 10.43 10.56 -18.58
C CYS A 90 11.25 10.09 -17.39
N GLN A 91 11.99 11.02 -16.78
CA GLN A 91 12.90 10.71 -15.69
C GLN A 91 12.18 10.15 -14.47
N LEU A 92 10.86 10.18 -14.45
CA LEU A 92 10.09 9.57 -13.38
C LEU A 92 9.65 8.16 -13.71
N THR A 93 10.07 7.62 -14.85
CA THR A 93 9.56 6.26 -14.95
C THR A 93 10.53 5.28 -14.30
N PRO A 94 10.03 4.23 -13.64
CA PRO A 94 10.89 3.31 -12.93
C PRO A 94 11.86 2.63 -13.87
N PRO A 95 13.01 2.18 -13.36
CA PRO A 95 14.03 1.57 -14.23
C PRO A 95 13.64 0.24 -14.84
N HIS A 96 12.53 -0.38 -14.45
CA HIS A 96 12.15 -1.65 -15.06
C HIS A 96 10.76 -1.59 -15.65
N SER A 97 10.22 -0.39 -15.81
CA SER A 97 8.86 -0.18 -16.28
C SER A 97 8.64 -0.93 -17.60
N ALA A 98 7.47 -1.53 -17.75
CA ALA A 98 7.15 -2.35 -18.91
C ALA A 98 7.44 -1.60 -20.20
N ARG A 99 8.07 -2.31 -21.16
CA ARG A 99 8.51 -1.67 -22.40
C ARG A 99 7.36 -1.03 -23.17
N SER A 100 7.68 -0.46 -24.32
CA SER A 100 6.66 0.08 -25.20
C SER A 100 6.50 -0.84 -26.41
N LYS A 101 5.25 -0.91 -26.91
CA LYS A 101 4.97 -1.59 -28.17
C LYS A 101 5.87 -1.07 -29.29
N TYR A 102 6.34 0.17 -29.18
CA TYR A 102 7.06 0.86 -30.23
C TYR A 102 8.56 0.74 -30.08
N GLY A 103 9.04 -0.44 -29.64
CA GLY A 103 10.47 -0.76 -29.63
C GLY A 103 11.36 0.23 -28.89
N PHE A 104 11.14 0.38 -27.58
CA PHE A 104 12.02 1.10 -26.67
C PHE A 104 11.46 0.90 -25.27
N GLY A 105 12.33 1.09 -24.28
CA GLY A 105 11.91 0.79 -22.93
C GLY A 105 12.33 1.81 -21.88
N ALA A 106 12.16 1.42 -20.62
CA ALA A 106 12.41 2.33 -19.50
C ALA A 106 13.78 2.98 -19.59
N LYS A 107 14.77 2.25 -20.10
CA LYS A 107 16.14 2.73 -20.10
C LYS A 107 16.32 3.94 -21.02
N GLU A 108 15.78 3.86 -22.25
CA GLU A 108 15.80 4.99 -23.16
C GLU A 108 14.96 6.14 -22.64
N VAL A 109 13.81 5.84 -22.03
CA VAL A 109 12.98 6.91 -21.48
C VAL A 109 13.70 7.65 -20.37
N ARG A 110 14.33 6.93 -19.46
CA ARG A 110 15.00 7.61 -18.36
C ARG A 110 16.23 8.37 -18.84
N SER A 111 16.86 7.88 -19.91
CA SER A 111 18.06 8.49 -20.46
C SER A 111 17.74 9.54 -21.52
N LEU A 112 16.47 9.91 -21.68
CA LEU A 112 16.05 10.91 -22.67
C LEU A 112 16.59 10.60 -24.06
N SER A 113 16.60 9.32 -24.42
CA SER A 113 16.92 8.90 -25.78
C SER A 113 16.00 9.58 -26.78
N GLY A 114 16.56 9.92 -27.95
CA GLY A 114 15.79 10.69 -28.92
C GLY A 114 14.61 9.93 -29.46
N ARG A 115 14.83 8.68 -29.90
CA ARG A 115 13.76 7.78 -30.31
C ARG A 115 12.57 7.90 -29.37
N ALA A 116 12.83 7.77 -28.07
CA ALA A 116 11.75 7.79 -27.09
C ALA A 116 11.08 9.16 -27.03
N VAL A 117 11.86 10.23 -26.80
CA VAL A 117 11.25 11.55 -26.66
C VAL A 117 10.45 11.91 -27.90
N ASN A 118 10.82 11.32 -29.04
CA ASN A 118 10.08 11.58 -30.26
C ASN A 118 8.71 10.95 -30.20
N HIS A 119 8.65 9.63 -30.00
CA HIS A 119 7.37 8.95 -29.93
C HIS A 119 6.47 9.59 -28.88
N ILE A 120 7.03 9.91 -27.71
CA ILE A 120 6.24 10.49 -26.62
C ILE A 120 5.74 11.88 -26.99
N LYS A 121 6.53 12.64 -27.74
CA LYS A 121 6.03 13.91 -28.26
C LYS A 121 4.76 13.71 -29.06
N SER A 122 4.78 12.78 -30.02
CA SER A 122 3.64 12.61 -30.90
C SER A 122 2.45 12.00 -30.17
N VAL A 123 2.71 11.22 -29.13
CA VAL A 123 1.65 10.71 -28.28
C VAL A 123 0.98 11.84 -27.51
N TRP A 124 1.78 12.77 -27.01
CA TRP A 124 1.21 13.97 -26.38
C TRP A 124 0.35 14.75 -27.37
N LYS A 125 0.80 14.90 -28.62
CA LYS A 125 0.03 15.67 -29.57
C LYS A 125 -1.31 15.00 -29.85
N ASP A 126 -1.31 13.67 -29.96
CA ASP A 126 -2.56 12.92 -30.16
C ASP A 126 -3.53 13.15 -29.01
N LEU A 127 -3.02 13.26 -27.79
CA LEU A 127 -3.87 13.58 -26.65
C LEU A 127 -4.52 14.95 -26.83
N LEU A 128 -3.77 15.93 -27.33
CA LEU A 128 -4.31 17.27 -27.44
C LEU A 128 -5.22 17.46 -28.64
N GLU A 129 -5.10 16.61 -29.66
CA GLU A 129 -5.91 16.78 -30.87
C GLU A 129 -7.13 15.89 -30.89
N ASP A 130 -7.13 14.84 -30.10
CA ASP A 130 -8.12 13.78 -30.19
C ASP A 130 -8.62 13.55 -28.77
N PRO A 131 -9.86 13.93 -28.46
CA PRO A 131 -10.38 13.73 -27.11
C PRO A 131 -11.29 12.52 -26.98
N GLN A 132 -11.38 11.68 -27.98
CA GLN A 132 -12.41 10.66 -27.90
C GLN A 132 -11.90 9.24 -28.10
N THR A 133 -11.00 9.02 -29.07
CA THR A 133 -10.67 7.64 -29.44
C THR A 133 -10.12 6.89 -28.25
N PRO A 134 -10.69 5.75 -27.88
CA PRO A 134 -10.20 5.05 -26.70
C PRO A 134 -8.74 4.63 -26.88
N ILE A 135 -8.00 4.69 -25.77
CA ILE A 135 -6.59 4.31 -25.74
C ILE A 135 -6.53 2.85 -25.28
N PRO A 136 -5.92 1.95 -26.06
CA PRO A 136 -5.92 0.54 -25.67
C PRO A 136 -5.11 0.30 -24.40
N THR A 137 -5.39 -0.84 -23.76
CA THR A 137 -4.73 -1.16 -22.50
C THR A 137 -4.43 -2.65 -22.44
N THR A 138 -3.41 -3.00 -21.68
CA THR A 138 -3.02 -4.39 -21.46
C THR A 138 -3.53 -4.83 -20.11
N ILE A 139 -4.11 -6.02 -20.06
CA ILE A 139 -4.54 -6.61 -18.79
C ILE A 139 -3.61 -7.78 -18.48
N MET A 140 -3.07 -7.77 -17.27
CA MET A 140 -2.26 -8.86 -16.78
C MET A 140 -2.67 -9.20 -15.36
N ALA A 141 -2.47 -10.46 -15.00
CA ALA A 141 -2.68 -10.90 -13.63
C ALA A 141 -1.47 -10.52 -12.79
N LYS A 142 -1.73 -9.90 -11.63
CA LYS A 142 -0.67 -9.54 -10.71
C LYS A 142 -0.09 -10.79 -10.06
N ASN A 143 1.23 -10.84 -9.89
CA ASN A 143 1.89 -11.91 -9.15
C ASN A 143 2.30 -11.38 -7.78
N GLU A 144 1.70 -11.93 -6.73
CA GLU A 144 2.09 -11.59 -5.38
C GLU A 144 1.99 -12.85 -4.53
N VAL A 145 2.74 -12.86 -3.43
CA VAL A 145 2.88 -14.04 -2.60
C VAL A 145 1.96 -13.95 -1.40
N PHE A 146 1.29 -15.07 -1.07
CA PHE A 146 0.50 -15.17 0.16
C PHE A 146 0.73 -16.54 0.79
N CYS A 147 0.24 -16.66 2.02
CA CYS A 147 0.08 -17.97 2.65
C CYS A 147 -1.33 -18.48 2.36
N VAL A 148 -1.47 -19.80 2.27
CA VAL A 148 -2.81 -20.35 2.07
C VAL A 148 -3.66 -20.08 3.29
N ASP A 149 -4.97 -20.00 3.07
CA ASP A 149 -5.94 -20.01 4.15
C ASP A 149 -7.00 -21.01 3.74
N PRO A 150 -7.10 -22.15 4.44
CA PRO A 150 -8.21 -23.07 4.13
C PRO A 150 -9.54 -22.49 4.53
N ALA A 151 -9.56 -21.61 5.55
CA ALA A 151 -10.76 -20.89 5.98
C ALA A 151 -11.20 -19.81 5.01
N LYS A 152 -10.38 -19.47 4.02
CA LYS A 152 -10.72 -18.48 3.00
C LYS A 152 -10.66 -19.06 1.58
N GLY A 153 -10.80 -20.38 1.45
CA GLY A 153 -10.94 -21.01 0.15
C GLY A 153 -9.66 -21.27 -0.60
N GLY A 154 -8.63 -21.78 0.08
CA GLY A 154 -7.41 -22.12 -0.60
C GLY A 154 -6.57 -20.91 -0.95
N LYS A 155 -6.40 -20.64 -2.26
CA LYS A 155 -5.59 -19.53 -2.71
C LYS A 155 -6.43 -18.41 -3.31
N LYS A 156 -6.09 -17.18 -2.96
CA LYS A 156 -6.65 -16.00 -3.62
C LYS A 156 -6.35 -16.03 -5.12
N PRO A 157 -7.32 -15.67 -5.97
CA PRO A 157 -7.00 -15.45 -7.39
C PRO A 157 -6.24 -14.15 -7.59
N ALA A 158 -5.45 -14.10 -8.66
CA ALA A 158 -4.60 -12.94 -8.93
C ALA A 158 -5.44 -11.68 -9.15
N ARG A 159 -4.93 -10.56 -8.63
CA ARG A 159 -5.50 -9.25 -8.88
C ARG A 159 -5.37 -8.89 -10.36
N LEU A 160 -6.34 -8.13 -10.87
CA LEU A 160 -6.29 -7.72 -12.26
C LEU A 160 -5.64 -6.33 -12.34
N ILE A 161 -4.65 -6.21 -13.23
CA ILE A 161 -3.93 -4.96 -13.47
C ILE A 161 -4.10 -4.57 -14.92
N VAL A 162 -4.35 -3.29 -15.18
CA VAL A 162 -4.68 -2.79 -16.51
C VAL A 162 -4.01 -1.44 -16.72
N TYR A 163 -3.11 -1.36 -17.70
CA TYR A 163 -2.24 -0.21 -17.89
C TYR A 163 -2.07 0.10 -19.37
N PRO A 164 -1.85 1.39 -19.72
CA PRO A 164 -1.68 1.74 -21.13
C PRO A 164 -0.23 1.57 -21.53
N ASP A 165 0.10 1.86 -22.79
CA ASP A 165 1.47 1.67 -23.22
C ASP A 165 2.40 2.63 -22.48
N LEU A 166 3.68 2.26 -22.43
CA LEU A 166 4.67 3.08 -21.73
C LEU A 166 4.69 4.52 -22.23
N GLY A 167 4.49 4.73 -23.54
CA GLY A 167 4.42 6.09 -24.06
C GLY A 167 3.32 6.91 -23.39
N VAL A 168 2.15 6.31 -23.21
CA VAL A 168 1.01 6.99 -22.58
C VAL A 168 1.30 7.30 -21.11
N ARG A 169 1.99 6.38 -20.42
CA ARG A 169 2.20 6.53 -18.99
C ARG A 169 3.08 7.73 -18.69
N VAL A 170 4.10 7.97 -19.51
CA VAL A 170 4.90 9.18 -19.38
C VAL A 170 4.02 10.40 -19.57
N CYS A 171 3.12 10.34 -20.57
CA CYS A 171 2.23 11.47 -20.83
C CYS A 171 1.33 11.76 -19.64
N GLU A 172 0.87 10.71 -18.95
CA GLU A 172 0.05 10.95 -17.78
C GLU A 172 0.79 11.77 -16.74
N LYS A 173 2.08 11.51 -16.54
CA LYS A 173 2.84 12.24 -15.53
C LYS A 173 2.98 13.71 -15.88
N MET A 174 3.09 14.04 -17.17
CA MET A 174 3.10 15.44 -17.57
C MET A 174 1.77 16.12 -17.18
N ALA A 175 0.65 15.52 -17.56
CA ALA A 175 -0.65 16.12 -17.31
C ALA A 175 -1.00 16.13 -15.83
N LEU A 176 -0.69 15.04 -15.11
CA LEU A 176 -1.30 14.80 -13.82
C LEU A 176 -0.34 14.59 -12.64
N TYR A 177 0.96 14.39 -12.86
CA TYR A 177 1.87 14.12 -11.75
C TYR A 177 1.81 15.24 -10.71
N ASP A 178 1.91 16.49 -11.15
CA ASP A 178 1.94 17.57 -10.18
C ASP A 178 0.66 17.61 -9.32
N ILE A 179 -0.49 17.31 -9.93
CA ILE A 179 -1.73 17.22 -9.16
C ILE A 179 -1.67 16.05 -8.18
N THR A 180 -1.13 14.90 -8.60
CA THR A 180 -1.01 13.78 -7.68
C THR A 180 -0.12 14.12 -6.48
N GLN A 181 0.75 15.12 -6.61
CA GLN A 181 1.56 15.58 -5.50
C GLN A 181 0.88 16.65 -4.64
N LYS A 182 -0.25 17.22 -5.08
CA LYS A 182 -0.82 18.35 -4.38
C LYS A 182 -2.29 18.18 -4.03
N LEU A 183 -3.08 17.58 -4.91
CA LEU A 183 -4.52 17.50 -4.68
C LEU A 183 -4.88 16.74 -3.41
N PRO A 184 -4.51 15.45 -3.25
CA PRO A 184 -4.96 14.71 -2.06
C PRO A 184 -4.76 15.48 -0.77
N GLN A 185 -3.53 15.96 -0.54
CA GLN A 185 -3.23 16.69 0.68
C GLN A 185 -4.18 17.86 0.89
N ALA A 186 -4.53 18.55 -0.19
CA ALA A 186 -5.26 19.80 -0.10
C ALA A 186 -6.73 19.59 0.24
N VAL A 187 -7.38 18.60 -0.37
CA VAL A 187 -8.80 18.40 -0.16
C VAL A 187 -9.09 17.53 1.06
N MET A 188 -8.09 16.83 1.61
CA MET A 188 -8.28 15.94 2.76
C MET A 188 -7.50 16.34 3.98
N GLY A 189 -6.51 17.22 3.85
CA GLY A 189 -5.83 17.71 5.03
C GLY A 189 -5.19 16.57 5.78
N ALA A 190 -5.39 16.56 7.10
CA ALA A 190 -4.77 15.52 7.92
C ALA A 190 -5.40 14.15 7.72
N SER A 191 -6.52 14.06 7.00
CA SER A 191 -7.17 12.78 6.82
C SER A 191 -6.46 11.94 5.80
N TYR A 192 -5.71 12.56 4.91
CA TYR A 192 -4.86 11.82 3.99
C TYR A 192 -3.97 10.86 4.75
N GLY A 193 -4.15 9.56 4.53
CA GLY A 193 -3.12 8.58 4.88
C GLY A 193 -1.93 8.87 3.97
N PHE A 194 -1.00 7.95 3.77
CA PHE A 194 0.08 8.14 2.79
C PHE A 194 0.89 9.42 3.01
N GLN A 195 0.70 10.09 4.14
CA GLN A 195 1.58 11.16 4.59
C GLN A 195 2.14 10.87 5.96
N TYR A 196 1.78 9.73 6.53
CA TYR A 196 2.21 9.38 7.87
C TYR A 196 3.14 8.18 7.81
N SER A 197 4.23 8.26 8.57
CA SER A 197 5.05 7.11 8.89
C SER A 197 4.28 6.28 9.90
N PRO A 198 4.70 5.03 10.13
CA PRO A 198 3.98 4.19 11.11
C PRO A 198 3.75 4.90 12.44
N ALA A 199 4.81 5.52 13.00
CA ALA A 199 4.66 6.17 14.28
C ALA A 199 3.76 7.39 14.18
N GLN A 200 3.87 8.15 13.09
CA GLN A 200 2.99 9.30 12.89
C GLN A 200 1.54 8.88 12.83
N ARG A 201 1.26 7.72 12.25
CA ARG A 201 -0.11 7.25 12.09
C ARG A 201 -0.67 6.78 13.43
N VAL A 202 0.16 6.16 14.26
CA VAL A 202 -0.24 5.88 15.63
C VAL A 202 -0.52 7.18 16.36
N GLU A 203 0.38 8.13 16.24
CA GLU A 203 0.21 9.44 16.86
C GLU A 203 -1.15 10.03 16.50
N TYR A 204 -1.51 9.98 15.22
CA TYR A 204 -2.73 10.60 14.74
C TYR A 204 -3.96 9.91 15.33
N LEU A 205 -4.05 8.59 15.20
CA LEU A 205 -5.19 7.84 15.72
C LEU A 205 -5.29 7.99 17.23
N LEU A 206 -4.15 7.95 17.92
CA LEU A 206 -4.14 8.17 19.37
C LEU A 206 -4.75 9.52 19.71
N LYS A 207 -4.31 10.58 19.01
CA LYS A 207 -4.87 11.91 19.20
C LYS A 207 -6.37 11.91 18.97
N ALA A 208 -6.80 11.35 17.84
CA ALA A 208 -8.23 11.29 17.51
C ALA A 208 -9.03 10.60 18.61
N TRP A 209 -8.52 9.48 19.12
CA TRP A 209 -9.22 8.77 20.18
C TRP A 209 -9.46 9.68 21.38
N ALA A 210 -8.44 10.45 21.80
CA ALA A 210 -8.58 11.20 23.05
C ALA A 210 -9.41 12.46 22.89
N GLU A 211 -9.44 13.07 21.68
CA GLU A 211 -10.29 14.24 21.46
C GLU A 211 -11.74 13.92 21.78
N LYS A 212 -12.16 12.70 21.47
CA LYS A 212 -13.53 12.30 21.71
C LYS A 212 -13.77 12.09 23.20
N LYS A 213 -14.92 12.60 23.69
CA LYS A 213 -15.32 12.38 25.09
C LYS A 213 -15.59 10.90 25.34
N ASP A 214 -16.46 10.30 24.53
CA ASP A 214 -16.74 8.86 24.56
C ASP A 214 -16.40 8.28 23.18
N PRO A 215 -15.11 8.01 22.92
CA PRO A 215 -14.69 7.67 21.54
C PRO A 215 -15.26 6.36 21.06
N MET A 216 -15.40 6.26 19.74
CA MET A 216 -15.86 5.05 19.06
C MET A 216 -15.28 5.09 17.66
N GLY A 217 -14.72 3.96 17.22
CA GLY A 217 -14.09 3.90 15.92
C GLY A 217 -14.54 2.67 15.15
N PHE A 218 -14.43 2.79 13.83
CA PHE A 218 -14.65 1.64 12.95
C PHE A 218 -13.74 1.79 11.75
N SER A 219 -13.60 0.69 11.00
CA SER A 219 -12.80 0.68 9.78
C SER A 219 -13.63 0.12 8.64
N TYR A 220 -13.32 0.55 7.42
CA TYR A 220 -14.09 0.19 6.24
C TYR A 220 -13.15 -0.09 5.07
N ASP A 221 -13.43 -1.15 4.32
CA ASP A 221 -12.73 -1.46 3.08
C ASP A 221 -13.75 -1.84 2.03
N THR A 222 -13.78 -1.10 0.91
CA THR A 222 -14.65 -1.47 -0.19
C THR A 222 -14.18 -2.77 -0.85
N ARG A 223 -15.14 -3.59 -1.28
CA ARG A 223 -14.88 -4.87 -1.89
C ARG A 223 -14.62 -4.71 -3.40
N HIS A 224 -13.41 -5.07 -3.85
CA HIS A 224 -13.03 -4.96 -5.27
C HIS A 224 -13.18 -3.53 -5.75
N PHE A 225 -12.44 -2.63 -5.11
CA PHE A 225 -12.75 -1.21 -5.25
C PHE A 225 -12.63 -0.71 -6.68
N ASP A 226 -11.60 -1.16 -7.42
CA ASP A 226 -11.44 -0.65 -8.78
C ASP A 226 -12.67 -0.95 -9.64
N SER A 227 -13.23 -2.16 -9.50
CA SER A 227 -14.40 -2.53 -10.30
C SER A 227 -15.67 -1.81 -9.83
N THR A 228 -15.70 -1.28 -8.61
CA THR A 228 -16.88 -0.56 -8.17
C THR A 228 -16.90 0.89 -8.61
N VAL A 229 -15.78 1.47 -9.06
CA VAL A 229 -15.84 2.87 -9.45
C VAL A 229 -16.49 2.97 -10.82
N THR A 230 -17.46 3.85 -10.92
CA THR A 230 -18.31 3.98 -12.07
C THR A 230 -17.78 5.07 -13.00
N GLU A 231 -18.20 5.01 -14.25
CA GLU A 231 -17.80 6.03 -15.20
C GLU A 231 -18.11 7.42 -14.67
N ARG A 232 -19.19 7.58 -13.90
CA ARG A 232 -19.47 8.89 -13.32
C ARG A 232 -18.43 9.26 -12.27
N ASP A 233 -18.04 8.31 -11.43
CA ASP A 233 -16.99 8.59 -10.46
C ASP A 233 -15.78 9.19 -11.14
N ILE A 234 -15.36 8.57 -12.27
CA ILE A 234 -14.15 8.97 -12.95
C ILE A 234 -14.30 10.37 -13.55
N ARG A 235 -15.47 10.65 -14.14
CA ARG A 235 -15.71 11.99 -14.66
C ARG A 235 -15.77 13.00 -13.54
N THR A 236 -16.33 12.62 -12.40
CA THR A 236 -16.32 13.51 -11.23
C THR A 236 -14.90 13.74 -10.76
N GLU A 237 -14.05 12.71 -10.87
CA GLU A 237 -12.65 12.93 -10.56
C GLU A 237 -12.05 13.99 -11.49
N GLU A 238 -12.37 13.93 -12.79
CA GLU A 238 -11.84 14.95 -13.70
C GLU A 238 -12.26 16.33 -13.26
N SER A 239 -13.48 16.45 -12.73
CA SER A 239 -13.91 17.78 -12.35
C SER A 239 -13.24 18.21 -11.05
N ILE A 240 -12.87 17.27 -10.20
CA ILE A 240 -12.11 17.70 -9.03
C ILE A 240 -10.73 18.18 -9.46
N TYR A 241 -10.12 17.53 -10.45
CA TYR A 241 -8.84 17.97 -10.98
C TYR A 241 -8.97 19.33 -11.64
N GLN A 242 -9.97 19.47 -12.50
CA GLN A 242 -10.19 20.72 -13.23
C GLN A 242 -10.51 21.87 -12.28
N ALA A 243 -10.93 21.57 -11.05
CA ALA A 243 -11.19 22.62 -10.08
C ALA A 243 -9.93 23.43 -9.74
N CYS A 244 -8.75 22.87 -9.97
CA CYS A 244 -7.50 23.54 -9.63
C CYS A 244 -7.16 24.59 -10.67
N SER A 245 -6.27 25.49 -10.30
CA SER A 245 -5.65 26.40 -11.24
C SER A 245 -4.65 25.62 -12.10
N LEU A 246 -4.99 25.38 -13.36
CA LEU A 246 -4.16 24.62 -14.29
C LEU A 246 -3.96 25.39 -15.59
N PRO A 247 -2.81 25.20 -16.25
CA PRO A 247 -2.65 25.76 -17.59
C PRO A 247 -3.61 25.09 -18.57
N GLU A 248 -4.00 25.85 -19.59
CA GLU A 248 -5.03 25.35 -20.49
C GLU A 248 -4.59 24.07 -21.19
N GLU A 249 -3.29 23.93 -21.45
CA GLU A 249 -2.82 22.74 -22.16
C GLU A 249 -2.99 21.48 -21.33
N ALA A 250 -2.85 21.60 -20.01
CA ALA A 250 -3.06 20.45 -19.15
C ALA A 250 -4.54 20.04 -19.14
N ARG A 251 -5.45 21.01 -18.99
CA ARG A 251 -6.89 20.71 -18.97
C ARG A 251 -7.28 19.90 -20.18
N THR A 252 -6.70 20.22 -21.33
CA THR A 252 -7.01 19.53 -22.55
C THR A 252 -6.57 18.07 -22.47
N ALA A 253 -5.33 17.83 -22.05
CA ALA A 253 -4.82 16.45 -21.96
C ALA A 253 -5.51 15.69 -20.83
N ILE A 254 -5.73 16.34 -19.70
CA ILE A 254 -6.48 15.72 -18.62
C ILE A 254 -7.83 15.25 -19.13
N HIS A 255 -8.57 16.12 -19.83
CA HIS A 255 -9.86 15.72 -20.36
C HIS A 255 -9.72 14.54 -21.32
N SER A 256 -8.73 14.58 -22.22
CA SER A 256 -8.55 13.47 -23.15
C SER A 256 -8.23 12.18 -22.43
N LEU A 257 -7.28 12.24 -21.49
CA LEU A 257 -6.97 11.05 -20.72
C LEU A 257 -8.22 10.51 -20.03
N THR A 258 -9.02 11.38 -19.40
CA THR A 258 -10.23 10.92 -18.74
C THR A 258 -11.18 10.26 -19.73
N GLU A 259 -11.51 10.95 -20.82
CA GLU A 259 -12.48 10.41 -21.76
C GLU A 259 -11.92 9.21 -22.54
N ARG A 260 -10.64 9.25 -22.92
CA ARG A 260 -10.05 8.22 -23.77
C ARG A 260 -9.43 7.07 -22.98
N LEU A 261 -9.15 7.26 -21.70
CA LEU A 261 -8.45 6.23 -20.95
C LEU A 261 -9.11 5.92 -19.61
N TYR A 262 -9.35 6.93 -18.77
CA TYR A 262 -9.71 6.65 -17.39
C TYR A 262 -11.12 6.11 -17.24
N VAL A 263 -12.10 6.66 -17.97
CA VAL A 263 -13.47 6.15 -17.93
C VAL A 263 -13.61 4.75 -18.53
N GLY A 264 -12.57 4.26 -19.23
CA GLY A 264 -12.55 2.88 -19.65
C GLY A 264 -12.10 2.71 -21.07
N GLY A 265 -12.02 1.46 -21.54
CA GLY A 265 -11.61 1.15 -22.89
C GLY A 265 -11.27 -0.31 -23.08
N PRO A 266 -10.88 -0.67 -24.31
CA PRO A 266 -10.56 -2.08 -24.62
C PRO A 266 -9.27 -2.55 -23.96
N MET A 267 -9.31 -3.77 -23.46
CA MET A 267 -8.15 -4.42 -22.86
C MET A 267 -7.69 -5.55 -23.77
N PHE A 268 -6.38 -5.66 -23.95
CA PHE A 268 -5.76 -6.73 -24.73
C PHE A 268 -4.88 -7.56 -23.82
N ASN A 269 -4.87 -8.87 -24.05
CA ASN A 269 -3.98 -9.69 -23.24
C ASN A 269 -2.55 -9.53 -23.75
N SER A 270 -1.61 -10.15 -23.05
CA SER A 270 -0.21 -10.00 -23.43
C SER A 270 0.07 -10.62 -24.80
N LYS A 271 -0.76 -11.55 -25.25
CA LYS A 271 -0.57 -12.08 -26.59
C LYS A 271 -1.14 -11.16 -27.67
N GLY A 272 -1.69 -10.01 -27.32
CA GLY A 272 -2.24 -9.09 -28.30
C GLY A 272 -3.71 -9.29 -28.63
N GLN A 273 -4.28 -10.46 -28.30
CA GLN A 273 -5.70 -10.71 -28.53
C GLN A 273 -6.57 -9.75 -27.75
N THR A 274 -7.54 -9.15 -28.42
CA THR A 274 -8.49 -8.30 -27.72
C THR A 274 -9.31 -9.15 -26.73
N CYS A 275 -9.45 -8.65 -25.51
CA CYS A 275 -9.75 -9.46 -24.34
C CYS A 275 -11.03 -9.06 -23.62
N GLY A 276 -11.31 -7.77 -23.54
CA GLY A 276 -12.57 -7.34 -22.98
C GLY A 276 -12.67 -5.85 -23.06
N TYR A 277 -13.79 -5.33 -22.58
CA TYR A 277 -13.97 -3.90 -22.48
C TYR A 277 -14.18 -3.54 -21.03
N ARG A 278 -13.52 -2.46 -20.61
CA ARG A 278 -13.49 -2.01 -19.23
C ARG A 278 -14.27 -0.71 -19.08
N ARG A 279 -15.09 -0.62 -18.04
CA ARG A 279 -15.89 0.56 -17.73
CA ARG A 279 -15.85 0.59 -17.74
C ARG A 279 -15.73 0.96 -16.28
N CYS A 280 -14.52 0.82 -15.73
CA CYS A 280 -14.24 1.15 -14.32
C CYS A 280 -12.79 1.62 -14.22
N ARG A 281 -12.28 1.71 -13.00
CA ARG A 281 -10.90 2.14 -12.78
C ARG A 281 -9.94 1.11 -13.32
N ALA A 282 -9.01 1.56 -14.16
CA ALA A 282 -7.88 0.72 -14.51
C ALA A 282 -6.82 0.89 -13.42
N SER A 283 -6.55 -0.18 -12.68
CA SER A 283 -5.50 -0.15 -11.66
C SER A 283 -4.17 -0.26 -12.38
N GLY A 284 -3.52 0.89 -12.57
CA GLY A 284 -2.35 0.98 -13.42
C GLY A 284 -2.11 2.39 -13.93
N VAL A 285 -3.19 3.16 -14.11
CA VAL A 285 -3.01 4.55 -14.52
C VAL A 285 -2.38 5.35 -13.38
N LEU A 286 -1.79 6.49 -13.75
CA LEU A 286 -1.18 7.37 -12.76
C LEU A 286 -2.15 7.68 -11.63
N THR A 287 -3.39 7.98 -11.98
CA THR A 287 -4.38 8.46 -11.03
C THR A 287 -4.96 7.35 -10.19
N THR A 288 -4.47 6.11 -10.32
CA THR A 288 -5.03 5.00 -9.57
C THR A 288 -5.09 5.31 -8.08
N SER A 289 -3.95 5.67 -7.50
CA SER A 289 -3.93 5.92 -6.07
C SER A 289 -4.71 7.18 -5.69
N MET A 290 -4.53 8.27 -6.45
CA MET A 290 -5.22 9.52 -6.14
C MET A 290 -6.74 9.38 -6.27
N GLY A 291 -7.20 8.81 -7.38
CA GLY A 291 -8.63 8.61 -7.58
C GLY A 291 -9.25 7.70 -6.53
N ASN A 292 -8.57 6.59 -6.22
CA ASN A 292 -8.99 5.73 -5.14
C ASN A 292 -9.22 6.52 -3.87
N THR A 293 -8.26 7.36 -3.50
CA THR A 293 -8.33 7.96 -2.17
C THR A 293 -9.29 9.14 -2.14
N ILE A 294 -9.38 9.91 -3.22
CA ILE A 294 -10.31 11.04 -3.23
C ILE A 294 -11.74 10.54 -3.40
N THR A 295 -11.97 9.60 -4.33
CA THR A 295 -13.31 9.08 -4.48
C THR A 295 -13.74 8.31 -3.24
N CYS A 296 -12.79 7.69 -2.55
CA CYS A 296 -13.16 7.02 -1.31
C CYS A 296 -13.50 8.03 -0.23
N TYR A 297 -12.65 9.05 -0.07
CA TYR A 297 -12.93 10.12 0.89
C TYR A 297 -14.31 10.76 0.66
N VAL A 298 -14.63 11.08 -0.59
CA VAL A 298 -15.89 11.79 -0.80
C VAL A 298 -17.08 10.89 -0.46
N LYS A 299 -17.06 9.63 -0.91
CA LYS A 299 -18.17 8.75 -0.57
C LYS A 299 -18.25 8.55 0.93
N ALA A 300 -17.12 8.19 1.56
CA ALA A 300 -17.12 7.91 2.99
C ALA A 300 -17.58 9.12 3.79
N LEU A 301 -17.14 10.31 3.41
CA LEU A 301 -17.56 11.52 4.10
C LEU A 301 -19.06 11.73 3.96
N ALA A 302 -19.59 11.59 2.74
CA ALA A 302 -21.03 11.65 2.53
C ALA A 302 -21.75 10.64 3.40
N ALA A 303 -21.32 9.37 3.35
CA ALA A 303 -21.95 8.34 4.16
C ALA A 303 -21.93 8.70 5.64
N CYS A 304 -20.86 9.32 6.13
CA CYS A 304 -20.87 9.75 7.52
C CYS A 304 -22.05 10.68 7.81
N LYS A 305 -22.35 11.58 6.87
CA LYS A 305 -23.51 12.45 7.06
C LYS A 305 -24.81 11.66 6.97
N ALA A 306 -24.92 10.74 6.01
CA ALA A 306 -26.11 9.89 5.92
C ALA A 306 -26.36 9.13 7.21
N ALA A 307 -25.32 8.55 7.77
CA ALA A 307 -25.44 7.75 8.97
C ALA A 307 -25.40 8.58 10.23
N GLY A 308 -25.29 9.89 10.11
CA GLY A 308 -25.33 10.71 11.31
C GLY A 308 -24.18 10.46 12.25
N ILE A 309 -23.02 10.07 11.71
CA ILE A 309 -21.80 9.94 12.51
C ILE A 309 -21.46 11.29 13.10
N VAL A 310 -21.19 11.32 14.41
CA VAL A 310 -20.99 12.58 15.09
C VAL A 310 -19.51 12.84 15.26
N ALA A 311 -19.08 14.04 14.87
CA ALA A 311 -17.72 14.51 15.08
C ALA A 311 -16.69 13.54 14.50
N PRO A 312 -16.86 13.11 13.24
CA PRO A 312 -15.93 12.14 12.68
C PRO A 312 -14.51 12.67 12.54
N THR A 313 -13.55 11.75 12.61
CA THR A 313 -12.16 11.97 12.26
C THR A 313 -11.71 10.80 11.38
N MET A 314 -11.16 11.10 10.20
CA MET A 314 -10.95 10.06 9.20
C MET A 314 -9.48 9.86 8.87
N LEU A 315 -9.18 8.64 8.41
CA LEU A 315 -7.84 8.29 7.90
C LEU A 315 -8.04 7.44 6.67
N VAL A 316 -7.59 7.94 5.52
CA VAL A 316 -7.97 7.38 4.22
C VAL A 316 -6.72 6.99 3.46
N CYS A 317 -6.57 5.69 3.18
CA CYS A 317 -5.44 5.15 2.43
C CYS A 317 -6.06 4.32 1.31
N GLY A 318 -6.22 4.93 0.13
CA GLY A 318 -6.86 4.19 -0.94
C GLY A 318 -8.29 3.94 -0.55
N ASP A 319 -8.71 2.67 -0.54
CA ASP A 319 -10.06 2.32 -0.13
C ASP A 319 -10.14 1.81 1.32
N ASP A 320 -9.02 1.76 2.03
CA ASP A 320 -9.03 1.50 3.46
C ASP A 320 -9.36 2.78 4.24
N LEU A 321 -10.12 2.62 5.32
CA LEU A 321 -10.71 3.78 5.95
C LEU A 321 -10.80 3.56 7.46
N ILE A 322 -10.40 4.55 8.24
CA ILE A 322 -10.64 4.54 9.68
C ILE A 322 -11.43 5.79 10.03
N VAL A 323 -12.44 5.63 10.89
CA VAL A 323 -13.27 6.72 11.37
C VAL A 323 -13.34 6.63 12.89
N ILE A 324 -12.75 7.62 13.57
CA ILE A 324 -12.87 7.78 15.01
C ILE A 324 -13.90 8.89 15.24
N SER A 325 -14.96 8.59 15.98
CA SER A 325 -16.10 9.49 16.06
C SER A 325 -16.60 9.48 17.49
N GLU A 326 -17.54 10.39 17.78
CA GLU A 326 -18.20 10.44 19.07
C GLU A 326 -19.32 9.40 19.12
N SER A 327 -19.32 8.59 20.19
CA SER A 327 -20.27 7.51 20.33
C SER A 327 -21.61 8.06 20.81
N GLN A 328 -22.68 7.49 20.26
CA GLN A 328 -24.05 7.91 20.54
C GLN A 328 -24.78 6.88 21.40
N GLY A 329 -24.03 6.08 22.15
CA GLY A 329 -24.55 4.86 22.71
C GLY A 329 -24.31 3.71 21.75
N THR A 330 -24.01 2.52 22.26
CA THR A 330 -23.72 1.40 21.38
C THR A 330 -24.94 1.03 20.53
N GLU A 331 -26.14 1.19 21.06
CA GLU A 331 -27.33 0.82 20.30
C GLU A 331 -27.48 1.70 19.05
N GLU A 332 -27.38 3.02 19.21
CA GLU A 332 -27.37 3.90 18.05
C GLU A 332 -26.15 3.64 17.17
N ASP A 333 -24.99 3.37 17.79
CA ASP A 333 -23.76 3.19 17.03
C ASP A 333 -23.86 2.02 16.07
N GLU A 334 -24.59 0.97 16.43
CA GLU A 334 -24.78 -0.13 15.48
C GLU A 334 -25.68 0.30 14.32
N ARG A 335 -26.78 0.98 14.64
CA ARG A 335 -27.70 1.44 13.59
C ARG A 335 -26.99 2.37 12.62
N ASN A 336 -26.22 3.31 13.17
CA ASN A 336 -25.50 4.25 12.33
C ASN A 336 -24.58 3.54 11.36
N LEU A 337 -23.89 2.49 11.82
CA LEU A 337 -22.95 1.84 10.92
C LEU A 337 -23.65 1.08 9.81
N ARG A 338 -24.82 0.47 10.07
CA ARG A 338 -25.61 -0.09 8.98
C ARG A 338 -26.00 1.02 7.99
N ALA A 339 -26.38 2.19 8.51
CA ALA A 339 -26.69 3.33 7.65
C ALA A 339 -25.51 3.70 6.77
N PHE A 340 -24.32 3.83 7.36
CA PHE A 340 -23.09 4.09 6.62
C PHE A 340 -22.89 3.07 5.50
N THR A 341 -23.10 1.79 5.82
CA THR A 341 -22.88 0.75 4.83
C THR A 341 -23.94 0.80 3.75
N GLU A 342 -25.20 1.02 4.13
CA GLU A 342 -26.26 1.13 3.14
C GLU A 342 -26.00 2.30 2.20
N ALA A 343 -25.54 3.42 2.78
CA ALA A 343 -25.18 4.59 1.97
C ALA A 343 -24.05 4.25 1.00
N MET A 344 -22.95 3.70 1.50
CA MET A 344 -21.85 3.47 0.56
C MET A 344 -22.19 2.38 -0.43
N THR A 345 -23.03 1.41 -0.05
CA THR A 345 -23.52 0.49 -1.07
C THR A 345 -24.33 1.26 -2.12
N ARG A 346 -25.05 2.31 -1.71
CA ARG A 346 -25.76 3.10 -2.72
C ARG A 346 -24.80 3.88 -3.60
N TYR A 347 -23.68 4.31 -3.04
CA TYR A 347 -22.67 5.04 -3.81
C TYR A 347 -21.79 4.14 -4.66
N SER A 348 -22.08 2.85 -4.70
CA SER A 348 -21.23 1.84 -5.33
C SER A 348 -19.83 1.81 -4.72
N ALA A 349 -19.77 1.69 -3.39
CA ALA A 349 -18.56 1.29 -2.68
C ALA A 349 -18.97 0.28 -1.61
N PRO A 350 -19.46 -0.89 -2.04
CA PRO A 350 -19.98 -1.88 -1.09
C PRO A 350 -18.85 -2.52 -0.30
N PRO A 351 -19.12 -3.04 0.89
CA PRO A 351 -18.04 -3.51 1.75
C PRO A 351 -17.59 -4.93 1.43
N GLY A 352 -16.35 -5.21 1.84
CA GLY A 352 -15.89 -6.58 1.97
C GLY A 352 -16.59 -7.19 3.15
N ASP A 353 -16.07 -6.94 4.36
CA ASP A 353 -16.71 -7.41 5.59
C ASP A 353 -17.47 -6.29 6.25
N PRO A 354 -18.65 -6.57 6.80
CA PRO A 354 -19.48 -5.49 7.37
C PRO A 354 -18.73 -4.75 8.47
N PRO A 355 -18.75 -3.43 8.43
CA PRO A 355 -18.08 -2.65 9.48
C PRO A 355 -18.82 -2.78 10.80
N ARG A 356 -18.10 -2.49 11.88
CA ARG A 356 -18.61 -2.78 13.23
C ARG A 356 -18.04 -1.79 14.24
N PRO A 357 -18.87 -1.19 15.08
CA PRO A 357 -18.35 -0.25 16.09
C PRO A 357 -17.42 -0.95 17.07
N GLU A 358 -16.29 -0.32 17.33
CA GLU A 358 -15.36 -0.81 18.33
C GLU A 358 -15.04 0.32 19.28
N TYR A 359 -14.75 -0.04 20.53
CA TYR A 359 -14.48 0.94 21.57
C TYR A 359 -13.09 0.74 22.18
N ASP A 360 -12.21 0.06 21.44
CA ASP A 360 -10.85 -0.26 21.89
C ASP A 360 -9.94 -0.17 20.66
N LEU A 361 -8.95 0.72 20.71
CA LEU A 361 -8.19 1.05 19.51
C LEU A 361 -7.51 -0.18 18.89
N GLU A 362 -7.12 -1.17 19.70
CA GLU A 362 -6.46 -2.35 19.17
C GLU A 362 -7.36 -3.20 18.27
N LEU A 363 -8.68 -3.08 18.42
CA LEU A 363 -9.65 -3.92 17.72
C LEU A 363 -10.04 -3.36 16.35
N ILE A 364 -9.47 -2.23 15.95
CA ILE A 364 -9.76 -1.62 14.67
C ILE A 364 -8.59 -1.95 13.75
N THR A 365 -8.83 -2.77 12.72
CA THR A 365 -7.75 -3.15 11.78
C THR A 365 -8.07 -2.60 10.38
N SER A 366 -7.17 -1.75 9.87
CA SER A 366 -7.31 -1.08 8.58
C SER A 366 -5.94 -0.79 7.98
N CYS A 367 -5.86 -0.84 6.66
CA CYS A 367 -4.58 -0.81 5.94
C CYS A 367 -3.73 -2.06 6.28
N SER A 368 -4.41 -3.14 6.66
CA SER A 368 -3.80 -4.38 7.14
C SER A 368 -2.89 -4.17 8.35
N SER A 369 -3.08 -3.09 9.11
CA SER A 369 -2.32 -2.80 10.31
C SER A 369 -3.26 -2.55 11.48
N ASN A 370 -2.72 -2.51 12.70
CA ASN A 370 -3.49 -2.01 13.83
C ASN A 370 -2.55 -1.48 14.89
N VAL A 371 -3.03 -0.47 15.62
CA VAL A 371 -2.33 0.05 16.78
C VAL A 371 -2.38 -0.98 17.90
N SER A 372 -1.30 -1.06 18.68
CA SER A 372 -1.25 -1.95 19.81
C SER A 372 -0.34 -1.34 20.85
N VAL A 373 -0.30 -1.95 22.03
CA VAL A 373 0.37 -1.36 23.18
C VAL A 373 1.35 -2.36 23.78
N ALA A 374 2.52 -1.86 24.17
CA ALA A 374 3.47 -2.59 24.98
C ALA A 374 3.98 -1.70 26.11
N LEU A 375 4.36 -2.33 27.21
CA LEU A 375 5.00 -1.64 28.32
C LEU A 375 6.51 -1.59 28.07
N GLY A 376 7.22 -0.86 28.92
CA GLY A 376 8.65 -1.04 29.04
C GLY A 376 8.97 -1.83 30.29
N PRO A 377 10.25 -1.89 30.67
CA PRO A 377 10.55 -2.10 32.10
C PRO A 377 10.05 -0.91 32.89
N ARG A 378 9.89 0.21 32.19
CA ARG A 378 9.28 1.43 32.69
C ARG A 378 7.95 1.18 33.42
N GLY A 379 7.15 0.22 32.95
CA GLY A 379 5.72 0.24 33.21
C GLY A 379 4.96 1.21 32.32
N ARG A 380 5.65 2.05 31.58
CA ARG A 380 5.03 3.10 30.78
C ARG A 380 4.47 2.53 29.48
N ARG A 381 3.27 2.96 29.12
CA ARG A 381 2.62 2.48 27.89
C ARG A 381 3.30 3.10 26.67
N ARG A 382 3.83 2.26 25.80
CA ARG A 382 4.33 2.65 24.49
C ARG A 382 3.36 2.08 23.45
N TYR A 383 2.88 2.93 22.55
CA TYR A 383 1.98 2.49 21.49
C TYR A 383 2.74 2.40 20.18
N TYR A 384 2.35 1.44 19.34
CA TYR A 384 3.04 1.21 18.08
C TYR A 384 2.05 0.61 17.09
N LEU A 385 2.57 0.30 15.91
CA LEU A 385 1.77 -0.18 14.80
C LEU A 385 2.27 -1.56 14.41
N THR A 386 1.38 -2.52 14.28
CA THR A 386 1.75 -3.90 14.01
C THR A 386 0.81 -4.44 12.93
N ARG A 387 0.94 -5.72 12.63
CA ARG A 387 0.05 -6.37 11.70
C ARG A 387 0.12 -7.88 11.92
N ASP A 388 -0.80 -8.60 11.30
CA ASP A 388 -0.68 -10.05 11.27
C ASP A 388 0.58 -10.42 10.47
N PRO A 389 1.52 -11.17 11.04
CA PRO A 389 2.78 -11.45 10.34
C PRO A 389 2.72 -12.53 9.28
N THR A 390 1.58 -13.20 9.11
CA THR A 390 1.46 -14.29 8.14
C THR A 390 2.02 -13.90 6.78
N THR A 391 1.41 -12.90 6.12
CA THR A 391 1.89 -12.55 4.80
C THR A 391 3.34 -12.06 4.80
N PRO A 392 3.80 -11.23 5.75
CA PRO A 392 5.24 -10.95 5.82
C PRO A 392 6.12 -12.20 5.91
N LEU A 393 5.69 -13.20 6.69
CA LEU A 393 6.46 -14.43 6.74
C LEU A 393 6.42 -15.16 5.41
N ALA A 394 5.26 -15.18 4.76
CA ALA A 394 5.16 -15.87 3.47
C ALA A 394 6.11 -15.27 2.46
N ARG A 395 6.24 -13.94 2.47
CA ARG A 395 7.10 -13.30 1.51
C ARG A 395 8.54 -13.33 1.94
N ALA A 396 8.78 -13.54 3.24
CA ALA A 396 10.13 -13.86 3.68
C ALA A 396 10.59 -15.20 3.13
N ALA A 397 9.67 -16.01 2.62
CA ALA A 397 9.98 -17.32 2.09
C ALA A 397 9.93 -17.39 0.57
N TRP A 398 9.64 -16.28 -0.10
CA TRP A 398 9.55 -16.32 -1.55
C TRP A 398 10.95 -16.19 -2.14
N GLU A 399 11.37 -17.21 -2.90
CA GLU A 399 12.78 -17.48 -3.16
C GLU A 399 12.87 -18.27 -4.46
N THR A 400 13.09 -17.57 -5.55
CA THR A 400 13.17 -18.23 -6.85
C THR A 400 14.50 -17.88 -7.52
N VAL A 401 14.66 -18.32 -8.78
CA VAL A 401 15.85 -17.97 -9.52
C VAL A 401 15.91 -16.47 -9.75
N ARG A 402 14.76 -15.78 -9.73
CA ARG A 402 14.68 -14.37 -10.09
C ARG A 402 14.32 -13.42 -8.95
N HIS A 403 13.93 -13.91 -7.78
CA HIS A 403 13.58 -13.01 -6.67
C HIS A 403 14.32 -13.45 -5.41
N SER A 404 14.82 -12.46 -4.66
CA SER A 404 15.42 -12.67 -3.35
C SER A 404 14.52 -12.13 -2.25
N PRO A 405 14.23 -12.92 -1.22
CA PRO A 405 13.41 -12.39 -0.13
C PRO A 405 14.10 -11.32 0.71
N ILE A 406 15.41 -11.10 0.53
CA ILE A 406 16.14 -10.29 1.49
C ILE A 406 15.61 -8.85 1.52
N ASN A 407 15.17 -8.32 0.38
CA ASN A 407 14.57 -6.99 0.42
C ASN A 407 13.27 -7.00 1.22
N SER A 408 12.49 -8.07 1.06
CA SER A 408 11.24 -8.21 1.80
C SER A 408 11.50 -8.09 3.29
N TRP A 409 12.54 -8.79 3.77
CA TRP A 409 12.84 -8.77 5.19
C TRP A 409 13.19 -7.35 5.66
N LEU A 410 14.16 -6.73 4.99
CA LEU A 410 14.53 -5.37 5.33
C LEU A 410 13.28 -4.50 5.43
N GLY A 411 12.44 -4.55 4.39
CA GLY A 411 11.24 -3.74 4.38
C GLY A 411 10.41 -3.89 5.64
N ASN A 412 10.15 -5.13 6.05
CA ASN A 412 9.38 -5.33 7.28
C ASN A 412 10.15 -4.90 8.52
N ILE A 413 11.46 -5.10 8.52
CA ILE A 413 12.24 -4.69 9.68
C ILE A 413 12.16 -3.18 9.86
N ILE A 414 12.14 -2.44 8.74
CA ILE A 414 12.04 -0.97 8.80
C ILE A 414 10.63 -0.55 9.20
N GLN A 415 9.62 -1.14 8.58
CA GLN A 415 8.27 -0.66 8.78
C GLN A 415 7.72 -1.06 10.16
N TYR A 416 8.08 -2.25 10.64
CA TYR A 416 7.49 -2.81 11.86
C TYR A 416 8.52 -3.09 12.93
N ALA A 417 9.61 -2.32 12.94
CA ALA A 417 10.68 -2.39 13.93
C ALA A 417 10.23 -2.59 15.38
N PRO A 418 9.15 -1.97 15.85
CA PRO A 418 8.76 -2.16 17.25
C PRO A 418 8.00 -3.44 17.53
N THR A 419 7.58 -4.18 16.50
CA THR A 419 6.78 -5.36 16.72
C THR A 419 7.63 -6.48 17.32
N ILE A 420 6.98 -7.33 18.09
CA ILE A 420 7.66 -8.49 18.65
C ILE A 420 8.14 -9.40 17.52
N TRP A 421 7.37 -9.54 16.44
CA TRP A 421 7.74 -10.51 15.42
C TRP A 421 8.91 -10.03 14.56
N VAL A 422 8.99 -8.72 14.25
CA VAL A 422 10.20 -8.21 13.62
C VAL A 422 11.38 -8.35 14.55
N ARG A 423 11.21 -7.92 15.81
CA ARG A 423 12.34 -7.91 16.73
C ARG A 423 12.88 -9.32 17.00
N MET A 424 12.00 -10.28 17.20
CA MET A 424 12.44 -11.59 17.62
C MET A 424 12.63 -12.57 16.46
N VAL A 425 11.99 -12.35 15.32
CA VAL A 425 12.12 -13.32 14.22
C VAL A 425 12.90 -12.71 13.06
N LEU A 426 12.33 -11.71 12.40
CA LEU A 426 12.93 -11.22 11.16
C LEU A 426 14.29 -10.62 11.42
N MET A 427 14.40 -9.73 12.43
CA MET A 427 15.70 -9.16 12.74
C MET A 427 16.74 -10.23 12.99
N THR A 428 16.38 -11.28 13.73
CA THR A 428 17.31 -12.36 14.04
C THR A 428 17.71 -13.10 12.78
N HIS A 429 16.73 -13.50 11.97
CA HIS A 429 17.04 -14.26 10.76
C HIS A 429 17.82 -13.42 9.76
N PHE A 430 17.44 -12.14 9.62
CA PHE A 430 18.15 -11.18 8.79
C PHE A 430 19.65 -11.14 9.08
N PHE A 431 20.01 -10.65 10.25
CA PHE A 431 21.44 -10.57 10.57
C PHE A 431 22.13 -11.93 10.55
N SER A 432 21.44 -13.01 10.93
CA SER A 432 22.11 -14.30 10.88
C SER A 432 22.53 -14.66 9.47
N ILE A 433 21.65 -14.40 8.49
CA ILE A 433 21.96 -14.74 7.10
C ILE A 433 23.10 -13.86 6.59
N LEU A 434 23.00 -12.56 6.81
CA LEU A 434 23.98 -11.63 6.26
C LEU A 434 25.37 -11.91 6.82
N MET A 435 25.46 -12.28 8.10
CA MET A 435 26.78 -12.56 8.65
C MET A 435 27.40 -13.78 7.99
N VAL A 436 26.62 -14.85 7.82
CA VAL A 436 27.15 -16.06 7.19
C VAL A 436 27.53 -15.81 5.73
N GLN A 437 26.84 -14.90 5.03
CA GLN A 437 27.24 -14.49 3.70
C GLN A 437 28.38 -13.47 3.70
N ASP A 438 28.80 -13.00 4.87
CA ASP A 438 29.70 -11.85 4.99
C ASP A 438 29.21 -10.67 4.15
N THR A 439 27.99 -10.24 4.46
CA THR A 439 27.23 -9.26 3.68
C THR A 439 26.72 -8.10 4.52
N LEU A 440 26.96 -8.10 5.84
CA LEU A 440 26.47 -7.02 6.70
C LEU A 440 26.64 -5.63 6.11
N ASP A 441 27.77 -5.35 5.47
CA ASP A 441 28.04 -3.98 5.04
C ASP A 441 27.82 -3.74 3.55
N GLN A 442 27.02 -4.59 2.90
CA GLN A 442 26.69 -4.39 1.50
C GLN A 442 25.24 -3.95 1.39
N ASN A 443 25.00 -2.85 0.69
CA ASN A 443 23.70 -2.19 0.68
C ASN A 443 22.60 -3.08 0.13
N LEU A 444 21.38 -2.81 0.60
CA LEU A 444 20.14 -3.38 0.10
C LEU A 444 19.20 -2.27 -0.33
N ASN A 445 18.20 -2.62 -1.12
CA ASN A 445 17.17 -1.68 -1.52
C ASN A 445 15.93 -1.84 -0.65
N PHE A 446 15.49 -0.72 -0.07
CA PHE A 446 14.22 -0.62 0.63
C PHE A 446 13.19 -0.01 -0.30
N GLU A 447 11.99 -0.58 -0.32
CA GLU A 447 11.00 -0.23 -1.33
C GLU A 447 9.69 0.15 -0.68
N MET A 448 9.10 1.24 -1.16
CA MET A 448 7.88 1.77 -0.56
C MET A 448 7.25 2.86 -1.41
N TYR A 449 6.02 2.64 -1.87
CA TYR A 449 5.27 3.64 -2.64
C TYR A 449 6.02 4.03 -3.91
N GLY A 450 6.47 3.04 -4.65
CA GLY A 450 7.23 3.33 -5.86
C GLY A 450 8.72 3.64 -5.71
N SER A 451 9.08 4.51 -4.76
CA SER A 451 10.48 4.86 -4.59
C SER A 451 11.28 3.67 -4.05
N VAL A 452 12.58 3.70 -4.36
CA VAL A 452 13.53 2.72 -3.87
C VAL A 452 14.68 3.45 -3.22
N TYR A 453 14.87 3.23 -1.93
CA TYR A 453 15.91 3.90 -1.16
C TYR A 453 17.01 2.90 -0.84
N SER A 454 18.27 3.36 -0.82
CA SER A 454 19.38 2.48 -0.49
C SER A 454 19.63 2.47 1.02
N VAL A 455 19.83 1.28 1.57
CA VAL A 455 19.93 1.11 3.02
C VAL A 455 21.12 0.22 3.32
N ASN A 456 21.93 0.62 4.29
CA ASN A 456 22.98 -0.31 4.66
C ASN A 456 22.57 -1.02 5.92
N PRO A 457 22.63 -2.35 5.95
CA PRO A 457 22.18 -3.07 7.15
C PRO A 457 22.77 -2.55 8.46
N LEU A 458 24.06 -2.16 8.49
CA LEU A 458 24.64 -1.72 9.74
C LEU A 458 24.09 -0.38 10.22
N ASP A 459 23.28 0.28 9.39
CA ASP A 459 22.62 1.53 9.74
C ASP A 459 21.26 1.34 10.40
N LEU A 460 20.77 0.12 10.51
CA LEU A 460 19.42 -0.08 11.02
C LEU A 460 19.17 0.53 12.40
N PRO A 461 20.10 0.52 13.36
CA PRO A 461 19.82 1.21 14.63
C PRO A 461 19.47 2.67 14.46
N ALA A 462 20.29 3.43 13.72
CA ALA A 462 19.99 4.85 13.54
C ALA A 462 18.66 5.03 12.84
N ILE A 463 18.46 4.31 11.72
CA ILE A 463 17.23 4.40 10.94
C ILE A 463 16.01 4.17 11.83
N ILE A 464 16.06 3.11 12.63
CA ILE A 464 14.91 2.75 13.46
C ILE A 464 14.65 3.81 14.52
N GLU A 465 15.70 4.39 15.11
CA GLU A 465 15.47 5.42 16.12
C GLU A 465 14.89 6.67 15.49
N ARG A 466 15.33 7.01 14.28
CA ARG A 466 14.75 8.15 13.60
C ARG A 466 13.29 7.89 13.25
N LEU A 467 12.92 6.63 12.98
CA LEU A 467 11.55 6.30 12.60
C LEU A 467 10.62 6.07 13.78
N HIS A 468 11.05 5.24 14.72
CA HIS A 468 10.20 4.78 15.81
C HIS A 468 10.69 5.21 17.17
N GLY A 469 11.89 5.80 17.28
CA GLY A 469 12.42 6.24 18.55
C GLY A 469 13.11 5.13 19.30
N LEU A 470 13.82 5.51 20.37
CA LEU A 470 14.56 4.52 21.15
C LEU A 470 13.64 3.56 21.89
N ASP A 471 12.34 3.82 21.96
CA ASP A 471 11.45 2.85 22.61
C ASP A 471 11.36 1.56 21.82
N ALA A 472 11.77 1.56 20.55
CA ALA A 472 11.70 0.37 19.70
C ALA A 472 12.67 -0.72 20.14
N PHE A 473 13.64 -0.34 20.96
CA PHE A 473 14.61 -1.25 21.55
C PHE A 473 14.34 -1.52 23.02
N SER A 474 13.13 -1.24 23.51
CA SER A 474 12.87 -1.36 24.94
C SER A 474 11.49 -1.95 25.28
N MET A 475 10.70 -2.37 24.29
CA MET A 475 9.35 -2.87 24.55
C MET A 475 9.44 -4.14 25.36
N HIS A 476 8.97 -4.11 26.60
CA HIS A 476 9.10 -5.23 27.52
C HIS A 476 7.95 -6.21 27.38
N THR A 477 6.72 -5.74 27.45
CA THR A 477 5.59 -6.65 27.61
C THR A 477 4.58 -6.37 26.51
N TYR A 478 4.40 -7.35 25.63
CA TYR A 478 3.46 -7.18 24.53
C TYR A 478 2.08 -7.68 24.95
N SER A 479 1.08 -7.29 24.16
CA SER A 479 -0.33 -7.49 24.51
C SER A 479 -0.78 -8.91 24.25
N HIS A 480 -1.82 -9.33 24.98
CA HIS A 480 -2.34 -10.68 24.80
C HIS A 480 -2.73 -10.93 23.35
N HIS A 481 -3.35 -9.96 22.69
CA HIS A 481 -3.65 -10.13 21.27
C HIS A 481 -2.38 -10.38 20.46
N GLU A 482 -1.39 -9.49 20.58
CA GLU A 482 -0.20 -9.60 19.75
C GLU A 482 0.49 -10.95 19.99
N LEU A 483 0.71 -11.30 21.26
CA LEU A 483 1.35 -12.58 21.57
C LEU A 483 0.60 -13.74 20.93
N THR A 484 -0.73 -13.75 21.08
CA THR A 484 -1.52 -14.80 20.46
C THR A 484 -1.27 -14.90 18.97
N ARG A 485 -1.38 -13.76 18.27
CA ARG A 485 -1.31 -13.79 16.82
C ARG A 485 0.06 -14.26 16.36
N VAL A 486 1.12 -13.65 16.89
CA VAL A 486 2.47 -13.97 16.43
C VAL A 486 2.76 -15.44 16.68
N ALA A 487 2.32 -15.94 17.85
CA ALA A 487 2.43 -17.35 18.18
C ALA A 487 1.73 -18.20 17.12
N SER A 488 0.49 -17.84 16.79
CA SER A 488 -0.28 -18.65 15.87
C SER A 488 0.33 -18.62 14.47
N ALA A 489 0.70 -17.44 13.97
CA ALA A 489 1.28 -17.37 12.62
C ALA A 489 2.56 -18.21 12.52
N LEU A 490 3.39 -18.20 13.58
CA LEU A 490 4.61 -19.00 13.55
C LEU A 490 4.30 -20.50 13.47
N ARG A 491 3.32 -20.97 14.26
CA ARG A 491 2.80 -22.33 14.10
C ARG A 491 2.31 -22.57 12.68
N LYS A 492 1.52 -21.64 12.15
CA LYS A 492 0.88 -21.81 10.85
C LYS A 492 1.89 -21.95 9.71
N LEU A 493 3.12 -21.44 9.86
CA LEU A 493 4.10 -21.49 8.77
C LEU A 493 5.27 -22.41 9.10
N GLY A 494 5.21 -23.12 10.23
CA GLY A 494 6.26 -24.05 10.58
C GLY A 494 7.53 -23.37 11.01
N ALA A 495 7.42 -22.19 11.52
CA ALA A 495 8.59 -21.50 12.04
C ALA A 495 8.79 -21.91 13.48
N PRO A 496 9.99 -21.72 14.02
CA PRO A 496 10.22 -22.02 15.44
C PRO A 496 9.38 -21.14 16.32
N PRO A 497 9.07 -21.59 17.54
CA PRO A 497 8.39 -20.72 18.51
C PRO A 497 9.25 -19.52 18.87
N LEU A 498 8.62 -18.55 19.52
CA LEU A 498 9.37 -17.39 19.99
C LEU A 498 10.47 -17.77 20.95
N ARG A 499 10.22 -18.81 21.77
CA ARG A 499 11.24 -19.38 22.64
C ARG A 499 12.53 -19.65 21.88
N VAL A 500 12.42 -20.41 20.79
CA VAL A 500 13.61 -20.77 20.01
C VAL A 500 14.26 -19.56 19.39
N TRP A 501 13.45 -18.61 18.91
CA TRP A 501 14.05 -17.41 18.33
C TRP A 501 14.86 -16.65 19.37
N LYS A 502 14.42 -16.68 20.64
CA LYS A 502 15.17 -15.99 21.68
C LYS A 502 16.58 -16.58 21.81
N SER A 503 16.69 -17.90 21.75
CA SER A 503 18.03 -18.50 21.80
C SER A 503 18.86 -18.08 20.60
N ARG A 504 18.31 -18.25 19.38
CA ARG A 504 19.02 -17.87 18.17
C ARG A 504 19.52 -16.44 18.26
N ALA A 505 18.66 -15.55 18.74
CA ALA A 505 19.00 -14.14 18.84
C ALA A 505 20.18 -13.93 19.78
N ARG A 506 20.13 -14.55 20.97
CA ARG A 506 21.24 -14.44 21.90
C ARG A 506 22.55 -14.73 21.19
N ALA A 507 22.55 -15.78 20.36
CA ALA A 507 23.73 -16.15 19.59
C ALA A 507 24.07 -15.11 18.52
N VAL A 508 23.06 -14.67 17.75
CA VAL A 508 23.33 -13.66 16.72
C VAL A 508 23.99 -12.44 17.36
N ARG A 509 23.40 -11.96 18.46
CA ARG A 509 23.91 -10.77 19.13
C ARG A 509 25.36 -10.94 19.52
N ALA A 510 25.67 -12.06 20.17
CA ALA A 510 27.03 -12.36 20.58
C ALA A 510 27.96 -12.27 19.39
N SER A 511 27.53 -12.84 18.27
CA SER A 511 28.35 -12.96 17.08
C SER A 511 28.65 -11.60 16.42
N LEU A 512 27.68 -10.67 16.40
CA LEU A 512 28.00 -9.39 15.78
C LEU A 512 28.51 -8.37 16.77
N ILE A 513 28.22 -8.52 18.06
CA ILE A 513 28.94 -7.73 19.04
C ILE A 513 30.45 -7.97 18.90
N SER A 514 30.84 -9.22 18.68
CA SER A 514 32.26 -9.53 18.57
C SER A 514 32.82 -9.29 17.18
N ARG A 515 32.11 -8.61 16.30
CA ARG A 515 32.72 -8.03 15.12
C ARG A 515 33.08 -6.56 15.32
N GLY A 516 32.76 -6.01 16.50
CA GLY A 516 32.93 -4.60 16.76
C GLY A 516 32.35 -3.65 15.74
N GLY A 517 32.64 -2.37 15.91
CA GLY A 517 32.28 -1.43 14.86
C GLY A 517 30.79 -1.20 14.79
N LYS A 518 30.32 -0.88 13.57
CA LYS A 518 28.89 -0.73 13.35
C LYS A 518 28.14 -2.03 13.64
N ALA A 519 28.76 -3.18 13.34
CA ALA A 519 28.10 -4.47 13.61
C ALA A 519 27.78 -4.63 15.09
N ALA A 520 28.68 -4.18 15.98
CA ALA A 520 28.40 -4.35 17.41
C ALA A 520 27.27 -3.44 17.86
N VAL A 521 27.22 -2.20 17.37
CA VAL A 521 26.08 -1.34 17.70
C VAL A 521 24.77 -2.02 17.34
N CYS A 522 24.73 -2.70 16.19
CA CYS A 522 23.53 -3.43 15.81
C CYS A 522 23.15 -4.44 16.89
N GLY A 523 24.14 -5.17 17.41
CA GLY A 523 23.81 -6.19 18.38
C GLY A 523 23.41 -5.65 19.74
N ARG A 524 23.92 -4.49 20.13
CA ARG A 524 23.58 -3.97 21.44
C ARG A 524 22.23 -3.30 21.42
N TYR A 525 21.88 -2.64 20.32
CA TYR A 525 20.58 -2.01 20.21
C TYR A 525 19.51 -3.00 19.77
N LEU A 526 19.69 -3.59 18.59
CA LEU A 526 18.64 -4.39 17.99
C LEU A 526 18.31 -5.64 18.80
N PHE A 527 19.22 -6.07 19.68
CA PHE A 527 19.02 -7.32 20.39
C PHE A 527 19.18 -7.18 21.91
N ASN A 528 18.93 -5.96 22.43
CA ASN A 528 18.94 -5.75 23.88
C ASN A 528 17.90 -6.62 24.59
N TRP A 529 16.85 -7.01 23.87
CA TRP A 529 15.79 -7.80 24.48
C TRP A 529 16.22 -9.23 24.80
N ALA A 530 17.30 -9.73 24.20
CA ALA A 530 17.60 -11.14 24.31
C ALA A 530 18.48 -11.50 25.51
N VAL A 531 19.10 -10.51 26.15
CA VAL A 531 19.98 -10.73 27.31
C VAL A 531 19.26 -10.25 28.56
N LYS A 532 19.50 -10.94 29.67
CA LYS A 532 18.74 -10.66 30.89
C LYS A 532 19.21 -9.40 31.62
N THR A 533 20.44 -8.95 31.41
CA THR A 533 20.94 -7.72 32.01
C THR A 533 21.10 -6.67 30.90
N LYS A 534 19.99 -5.98 30.60
CA LYS A 534 19.94 -5.05 29.48
C LYS A 534 20.92 -3.90 29.66
N LEU A 535 21.63 -3.54 28.59
CA LEU A 535 22.45 -2.34 28.63
C LEU A 535 21.60 -1.08 28.39
N LYS A 536 22.05 0.04 28.97
CA LYS A 536 21.35 1.33 28.83
C LYS A 536 21.60 1.89 27.45
N LEU A 537 20.57 1.91 26.60
CA LEU A 537 20.75 2.43 25.26
C LEU A 537 20.68 3.95 25.30
N THR A 538 21.58 4.60 24.59
CA THR A 538 21.59 6.04 24.48
C THR A 538 21.18 6.45 23.08
N PRO A 539 20.69 7.66 22.89
CA PRO A 539 20.40 8.11 21.53
C PRO A 539 21.65 8.04 20.67
N LEU A 540 21.42 7.86 19.37
CA LEU A 540 22.51 7.77 18.42
C LEU A 540 22.63 9.09 17.68
N PRO A 541 23.79 9.73 17.71
CA PRO A 541 23.93 11.02 17.03
C PRO A 541 23.61 10.93 15.54
N GLU A 542 24.03 9.86 14.85
CA GLU A 542 23.82 9.78 13.41
C GLU A 542 22.35 9.77 13.04
N ALA A 543 21.48 9.34 13.96
CA ALA A 543 20.05 9.38 13.69
C ALA A 543 19.56 10.81 13.53
N ARG A 544 20.07 11.73 14.36
CA ARG A 544 19.73 13.15 14.24
C ARG A 544 20.06 13.71 12.87
N LEU A 545 20.97 13.06 12.13
CA LEU A 545 21.34 13.54 10.81
C LEU A 545 20.42 13.01 9.71
N LEU A 546 19.79 11.85 9.93
CA LEU A 546 18.99 11.23 8.87
C LEU A 546 17.71 12.01 8.61
N ASP A 547 17.33 12.09 7.34
CA ASP A 547 16.06 12.67 6.93
C ASP A 547 15.28 11.60 6.19
N LEU A 548 14.39 10.91 6.89
CA LEU A 548 13.61 9.84 6.29
C LEU A 548 12.23 10.31 5.82
N SER A 549 12.09 11.62 5.56
CA SER A 549 10.80 12.24 5.30
C SER A 549 10.02 11.53 4.20
N SER A 550 10.62 11.42 3.02
CA SER A 550 9.88 10.95 1.85
C SER A 550 9.67 9.45 1.84
N TRP A 551 10.15 8.75 2.88
CA TRP A 551 10.07 7.29 2.87
C TRP A 551 8.64 6.82 2.85
N PHE A 552 7.82 7.32 3.78
CA PHE A 552 6.44 6.87 3.96
C PHE A 552 5.41 7.86 3.42
N THR A 553 5.73 8.53 2.32
CA THR A 553 4.84 9.51 1.72
C THR A 553 4.65 9.20 0.24
N VAL A 554 4.19 10.19 -0.52
CA VAL A 554 4.00 10.04 -1.96
C VAL A 554 4.48 11.25 -2.74
#